data_6JJX
#
_entry.id   6JJX
#
_cell.length_a   65.627
_cell.length_b   72.283
_cell.length_c   79.374
_cell.angle_alpha   90.00
_cell.angle_beta   90.00
_cell.angle_gamma   90.00
#
_symmetry.space_group_name_H-M   'P 21 21 2'
#
loop_
_entity.id
_entity.type
_entity.pdbx_description
1 polymer 'Protein KIBRA'
2 polymer 'Peptide from Angiomotin'
3 water water
#
loop_
_entity_poly.entity_id
_entity_poly.type
_entity_poly.pdbx_seq_one_letter_code
_entity_poly.pdbx_strand_id
1 'polypeptide(L)'
;GPGSEFELPLPEGWEEARDFDGKVYYIDHRNRTTSWIDPRDRYTKPLTFADCISDELPLGWEEAYDPQVGDYFIDHNTKT
TQIEDPRVQWRREQEHMLKDYLVVAQEALSAQKEIYQVKQQRLELAQQEYQQLH
;
A,B
2 'polypeptide(L)' GPGSGRTEGQLMRYQHPPEYGAARPA D,C
#
# COMPACT_ATOMS: atom_id res chain seq x y z
N PHE A 6 -39.35 -12.26 0.99
CA PHE A 6 -39.90 -13.20 1.98
C PHE A 6 -39.31 -13.01 3.38
N GLU A 7 -40.18 -13.08 4.39
CA GLU A 7 -39.76 -12.96 5.79
C GLU A 7 -39.30 -14.31 6.29
N LEU A 8 -37.98 -14.43 6.50
CA LEU A 8 -37.40 -15.68 6.97
C LEU A 8 -37.88 -16.03 8.38
N PRO A 9 -38.14 -17.33 8.62
CA PRO A 9 -38.34 -17.85 9.98
C PRO A 9 -37.00 -17.89 10.72
N LEU A 10 -36.99 -17.95 12.04
CA LEU A 10 -35.73 -18.16 12.76
C LEU A 10 -35.13 -19.48 12.31
N PRO A 11 -33.79 -19.55 12.25
CA PRO A 11 -33.13 -20.80 11.94
C PRO A 11 -33.42 -21.84 13.00
N GLU A 12 -33.33 -23.13 12.64
CA GLU A 12 -33.55 -24.23 13.59
C GLU A 12 -32.71 -24.06 14.84
N GLY A 13 -33.34 -24.17 15.99
CA GLY A 13 -32.60 -24.15 17.25
C GLY A 13 -32.58 -22.79 17.91
N TRP A 14 -33.12 -21.79 17.21
CA TRP A 14 -33.20 -20.45 17.75
C TRP A 14 -34.59 -20.16 18.22
N GLU A 15 -34.70 -19.31 19.24
CA GLU A 15 -35.99 -18.99 19.80
C GLU A 15 -36.01 -17.53 20.21
N GLU A 16 -37.09 -16.83 19.88
CA GLU A 16 -37.24 -15.44 20.31
C GLU A 16 -37.73 -15.43 21.76
N ALA A 17 -37.25 -14.48 22.55
CA ALA A 17 -37.63 -14.41 23.95
C ALA A 17 -37.72 -12.97 24.41
N ARG A 18 -38.25 -12.76 25.61
CA ARG A 18 -38.35 -11.43 26.23
C ARG A 18 -37.63 -11.42 27.56
N ASP A 19 -36.89 -10.37 27.86
CA ASP A 19 -36.23 -10.29 29.16
C ASP A 19 -37.19 -9.72 30.19
N PHE A 20 -36.70 -9.51 31.41
CA PHE A 20 -37.57 -9.15 32.54
C PHE A 20 -38.21 -7.81 32.29
N ASP A 21 -37.54 -6.98 31.48
CA ASP A 21 -38.09 -5.69 31.08
C ASP A 21 -38.94 -5.73 29.78
N GLY A 22 -39.16 -6.91 29.22
CA GLY A 22 -39.91 -7.01 27.98
C GLY A 22 -39.12 -6.74 26.70
N LYS A 23 -37.79 -6.69 26.79
CA LYS A 23 -36.96 -6.47 25.61
C LYS A 23 -36.75 -7.80 24.88
N VAL A 24 -36.88 -7.80 23.55
CA VAL A 24 -36.70 -9.02 22.76
C VAL A 24 -35.25 -9.44 22.71
N TYR A 25 -34.98 -10.73 22.89
CA TYR A 25 -33.65 -11.24 22.62
C TYR A 25 -33.81 -12.64 22.04
N TYR A 26 -32.69 -13.26 21.66
CA TYR A 26 -32.73 -14.52 20.94
C TYR A 26 -31.91 -15.56 21.67
N ILE A 27 -32.47 -16.75 21.72
CA ILE A 27 -31.86 -17.90 22.36
C ILE A 27 -31.39 -18.90 21.30
N ASP A 28 -30.13 -19.27 21.36
CA ASP A 28 -29.56 -20.29 20.46
C ASP A 28 -29.37 -21.59 21.24
N HIS A 29 -30.29 -22.53 21.06
CA HIS A 29 -30.27 -23.79 21.84
C HIS A 29 -29.17 -24.75 21.41
N ARG A 30 -28.74 -24.64 20.16
CA ARG A 30 -27.68 -25.50 19.68
C ARG A 30 -26.37 -25.16 20.38
N ASN A 31 -26.12 -23.86 20.59
CA ASN A 31 -24.88 -23.43 21.23
C ASN A 31 -25.04 -23.01 22.67
N ARG A 32 -26.25 -23.19 23.20
CA ARG A 32 -26.58 -22.85 24.60
C ARG A 32 -26.16 -21.43 24.91
N THR A 33 -26.54 -20.49 24.05
CA THR A 33 -26.13 -19.10 24.24
C THR A 33 -27.30 -18.18 23.97
N THR A 34 -27.11 -16.89 24.25
CA THR A 34 -28.15 -15.90 23.98
C THR A 34 -27.53 -14.70 23.31
N SER A 35 -28.36 -13.89 22.66
CA SER A 35 -27.85 -12.73 21.93
C SER A 35 -28.92 -11.66 21.76
N TRP A 36 -28.49 -10.40 21.74
CA TRP A 36 -29.43 -9.33 21.39
C TRP A 36 -29.67 -9.32 19.86
N ILE A 37 -28.82 -10.03 19.13
CA ILE A 37 -28.83 -9.93 17.68
C ILE A 37 -29.71 -11.01 17.05
N ASP A 38 -30.71 -10.57 16.30
CA ASP A 38 -31.50 -11.48 15.48
C ASP A 38 -30.57 -12.25 14.55
N PRO A 39 -30.55 -13.59 14.65
CA PRO A 39 -29.59 -14.29 13.78
C PRO A 39 -29.88 -14.11 12.28
N ARG A 40 -31.07 -13.63 11.95
CA ARG A 40 -31.37 -13.40 10.55
C ARG A 40 -30.68 -12.13 10.05
N ASP A 41 -30.21 -11.29 10.97
CA ASP A 41 -29.47 -10.09 10.60
C ASP A 41 -28.21 -10.40 9.77
N ARG A 42 -27.67 -11.61 9.93
CA ARG A 42 -26.49 -12.01 9.16
C ARG A 42 -26.79 -11.98 7.65
N TYR A 43 -28.06 -12.14 7.28
CA TYR A 43 -28.44 -12.07 5.88
C TYR A 43 -29.00 -10.76 5.45
N THR A 44 -29.50 -9.96 6.38
CA THR A 44 -30.27 -8.79 5.97
C THR A 44 -29.64 -7.48 6.36
N LYS A 45 -28.62 -7.53 7.19
CA LYS A 45 -27.92 -6.32 7.57
C LYS A 45 -26.57 -6.27 6.88
N PRO A 46 -26.13 -5.05 6.56
CA PRO A 46 -24.79 -4.91 5.98
C PRO A 46 -23.72 -5.39 6.94
N LEU A 47 -22.66 -5.97 6.42
CA LEU A 47 -21.60 -6.53 7.25
C LEU A 47 -20.78 -5.43 7.94
N THR A 48 -20.56 -4.32 7.22
CA THR A 48 -19.79 -3.20 7.75
C THR A 48 -20.44 -1.91 7.32
N PHE A 49 -19.88 -0.78 7.72
CA PHE A 49 -20.46 0.52 7.33
C PHE A 49 -20.22 0.84 5.85
N ALA A 50 -19.43 0.00 5.19
CA ALA A 50 -19.11 0.16 3.76
C ALA A 50 -20.01 -0.72 2.87
N ASP A 51 -20.58 -1.75 3.49
CA ASP A 51 -21.41 -2.74 2.79
C ASP A 51 -22.81 -2.20 2.44
N CYS A 52 -23.42 -2.78 1.40
CA CYS A 52 -24.79 -2.43 1.05
C CYS A 52 -25.50 -3.70 0.59
N ILE A 53 -26.57 -4.08 1.28
CA ILE A 53 -27.22 -5.34 0.97
C ILE A 53 -27.81 -5.33 -0.44
N SER A 54 -28.51 -4.26 -0.79
CA SER A 54 -29.14 -4.19 -2.11
C SER A 54 -28.11 -4.10 -3.23
N ASP A 55 -28.30 -4.91 -4.27
CA ASP A 55 -27.41 -4.89 -5.44
C ASP A 55 -28.02 -4.03 -6.56
N GLU A 56 -29.11 -3.34 -6.26
CA GLU A 56 -29.82 -2.56 -7.30
C GLU A 56 -28.90 -1.55 -7.96
N LEU A 57 -29.00 -1.47 -9.29
CA LEU A 57 -28.23 -0.55 -10.10
C LEU A 57 -28.60 0.88 -9.81
N PRO A 58 -27.64 1.81 -9.94
CA PRO A 58 -27.90 3.23 -9.70
C PRO A 58 -28.80 3.87 -10.74
N LEU A 59 -29.34 5.02 -10.37
CA LEU A 59 -30.23 5.81 -11.21
C LEU A 59 -29.76 5.85 -12.66
N GLY A 60 -30.63 5.42 -13.55
CA GLY A 60 -30.40 5.52 -14.99
C GLY A 60 -29.84 4.26 -15.61
N TRP A 61 -29.44 3.31 -14.78
CA TRP A 61 -28.91 2.06 -15.32
C TRP A 61 -30.00 0.98 -15.39
N GLU A 62 -29.92 0.13 -16.40
CA GLU A 62 -30.91 -0.91 -16.64
C GLU A 62 -30.23 -2.22 -17.07
N GLU A 63 -30.62 -3.31 -16.43
CA GLU A 63 -30.19 -4.66 -16.83
C GLU A 63 -30.95 -5.05 -18.10
N ALA A 64 -30.25 -5.67 -19.04
CA ALA A 64 -30.88 -6.07 -20.29
C ALA A 64 -30.29 -7.39 -20.78
N TYR A 65 -30.97 -7.98 -21.75
CA TYR A 65 -30.62 -9.29 -22.25
C TYR A 65 -30.79 -9.41 -23.77
N ASP A 66 -29.82 -10.07 -24.38
CA ASP A 66 -29.86 -10.41 -25.81
C ASP A 66 -29.51 -11.87 -26.00
N PRO A 67 -30.31 -12.58 -26.81
CA PRO A 67 -30.12 -14.03 -26.98
C PRO A 67 -28.73 -14.41 -27.51
N GLN A 68 -28.01 -13.53 -28.19
CA GLN A 68 -26.61 -13.81 -28.57
C GLN A 68 -25.52 -13.26 -27.67
N VAL A 69 -25.69 -12.04 -27.18
CA VAL A 69 -24.67 -11.43 -26.36
C VAL A 69 -24.80 -11.90 -24.91
N GLY A 70 -26.03 -12.16 -24.49
CA GLY A 70 -26.30 -12.52 -23.11
C GLY A 70 -26.71 -11.29 -22.33
N ASP A 71 -26.43 -11.30 -21.03
CA ASP A 71 -26.76 -10.18 -20.16
C ASP A 71 -25.89 -8.99 -20.53
N TYR A 72 -26.47 -7.81 -20.58
CA TYR A 72 -25.63 -6.62 -20.72
C TYR A 72 -26.35 -5.49 -19.97
N PHE A 73 -25.83 -4.28 -20.07
CA PHE A 73 -26.29 -3.18 -19.25
C PHE A 73 -26.48 -1.93 -20.07
N ILE A 74 -27.50 -1.15 -19.75
CA ILE A 74 -27.79 0.08 -20.47
C ILE A 74 -27.65 1.24 -19.50
N ASP A 75 -26.85 2.23 -19.89
CA ASP A 75 -26.74 3.48 -19.15
C ASP A 75 -27.54 4.58 -19.83
N HIS A 76 -28.74 4.84 -19.32
CA HIS A 76 -29.57 5.88 -19.88
C HIS A 76 -29.02 7.27 -19.58
N ASN A 77 -28.09 7.35 -18.62
CA ASN A 77 -27.48 8.64 -18.33
C ASN A 77 -26.62 9.13 -19.49
N THR A 78 -25.84 8.22 -20.06
CA THR A 78 -24.89 8.56 -21.12
C THR A 78 -25.37 8.09 -22.49
N LYS A 79 -26.53 7.44 -22.55
CA LYS A 79 -27.04 6.82 -23.77
C LYS A 79 -26.02 5.84 -24.35
N THR A 80 -25.52 4.95 -23.52
CA THR A 80 -24.56 3.94 -23.95
C THR A 80 -24.99 2.57 -23.43
N THR A 81 -24.39 1.51 -23.96
CA THR A 81 -24.59 0.16 -23.45
C THR A 81 -23.23 -0.49 -23.23
N GLN A 82 -23.16 -1.49 -22.35
CA GLN A 82 -21.90 -2.23 -22.17
C GLN A 82 -22.18 -3.65 -21.69
N ILE A 83 -21.25 -4.56 -21.93
CA ILE A 83 -21.42 -5.95 -21.52
C ILE A 83 -21.04 -6.11 -20.03
N GLU A 84 -19.96 -5.44 -19.62
CA GLU A 84 -19.49 -5.62 -18.25
C GLU A 84 -20.44 -4.99 -17.21
N ASP A 85 -20.64 -5.74 -16.14
CA ASP A 85 -21.44 -5.27 -15.01
C ASP A 85 -20.76 -4.03 -14.42
N PRO A 86 -21.43 -2.87 -14.49
CA PRO A 86 -20.81 -1.62 -14.03
C PRO A 86 -20.55 -1.62 -12.51
N ARG A 87 -21.25 -2.49 -11.78
CA ARG A 87 -21.01 -2.64 -10.35
C ARG A 87 -19.65 -3.31 -10.12
N VAL A 88 -19.36 -4.34 -10.92
CA VAL A 88 -18.09 -5.06 -10.87
C VAL A 88 -16.97 -4.13 -11.32
N GLN A 89 -17.22 -3.42 -12.41
CA GLN A 89 -16.28 -2.46 -12.94
C GLN A 89 -15.89 -1.41 -11.90
N TRP A 90 -16.87 -0.89 -11.20
CA TRP A 90 -16.57 0.12 -10.20
C TRP A 90 -15.73 -0.43 -9.06
N ARG A 91 -16.03 -1.65 -8.62
CA ARG A 91 -15.31 -2.28 -7.53
C ARG A 91 -13.85 -2.48 -7.92
N ARG A 92 -13.65 -2.94 -9.16
CA ARG A 92 -12.33 -3.26 -9.64
C ARG A 92 -11.52 -1.97 -9.82
N GLU A 93 -12.17 -0.86 -10.14
CA GLU A 93 -11.42 0.38 -10.24
C GLU A 93 -11.02 0.85 -8.86
N GLN A 94 -11.84 0.55 -7.85
CA GLN A 94 -11.43 0.78 -6.47
C GLN A 94 -10.23 -0.07 -6.13
N GLU A 95 -10.34 -1.36 -6.42
CA GLU A 95 -9.30 -2.33 -6.12
C GLU A 95 -7.96 -1.98 -6.80
N HIS A 96 -8.03 -1.55 -8.06
CA HIS A 96 -6.85 -1.21 -8.85
C HIS A 96 -6.11 -0.02 -8.30
N MET A 97 -6.85 0.94 -7.76
CA MET A 97 -6.22 2.14 -7.22
C MET A 97 -5.47 1.80 -5.93
N LEU A 98 -6.05 0.92 -5.13
CA LEU A 98 -5.40 0.50 -3.91
C LEU A 98 -4.15 -0.32 -4.21
N LYS A 99 -4.26 -1.23 -5.17
CA LYS A 99 -3.13 -2.09 -5.51
C LYS A 99 -1.99 -1.29 -6.14
N ASP A 100 -2.34 -0.34 -7.02
CA ASP A 100 -1.35 0.50 -7.65
C ASP A 100 -0.55 1.23 -6.55
N TYR A 101 -1.27 1.73 -5.55
CA TYR A 101 -0.58 2.37 -4.45
C TYR A 101 0.37 1.44 -3.69
N LEU A 102 -0.06 0.20 -3.41
CA LEU A 102 0.84 -0.75 -2.74
C LEU A 102 2.15 -0.84 -3.50
N VAL A 103 2.05 -1.01 -4.82
CA VAL A 103 3.23 -1.18 -5.65
C VAL A 103 4.12 0.08 -5.64
N VAL A 104 3.49 1.23 -5.81
CA VAL A 104 4.23 2.48 -5.84
C VAL A 104 4.92 2.78 -4.51
N ALA A 105 4.17 2.63 -3.43
CA ALA A 105 4.67 2.90 -2.08
C ALA A 105 5.77 1.95 -1.70
N GLN A 106 5.58 0.67 -1.98
CA GLN A 106 6.59 -0.32 -1.67
C GLN A 106 7.89 -0.04 -2.43
N GLU A 107 7.76 0.31 -3.71
CA GLU A 107 8.93 0.61 -4.52
C GLU A 107 9.67 1.85 -3.96
N ALA A 108 8.90 2.85 -3.56
CA ALA A 108 9.48 4.06 -2.98
C ALA A 108 10.22 3.74 -1.70
N LEU A 109 9.58 2.99 -0.82
CA LEU A 109 10.20 2.66 0.45
C LEU A 109 11.47 1.82 0.27
N SER A 110 11.45 0.88 -0.67
CA SER A 110 12.64 0.05 -0.90
C SER A 110 13.76 0.89 -1.52
N ALA A 111 13.42 1.84 -2.40
CA ALA A 111 14.45 2.71 -2.98
C ALA A 111 15.09 3.59 -1.91
N GLN A 112 14.25 4.15 -1.04
CA GLN A 112 14.73 4.99 0.06
C GLN A 112 15.71 4.19 0.93
N LYS A 113 15.41 2.92 1.16
CA LYS A 113 16.24 2.12 2.05
C LYS A 113 17.54 1.64 1.35
N GLU A 114 17.49 1.44 0.04
CA GLU A 114 18.70 1.06 -0.70
C GLU A 114 19.66 2.24 -0.74
N ILE A 115 19.11 3.45 -0.77
CA ILE A 115 19.97 4.63 -0.73
C ILE A 115 20.57 4.87 0.66
N TYR A 116 19.73 4.85 1.69
CA TYR A 116 20.16 5.11 3.07
C TYR A 116 21.25 4.16 3.51
N GLN A 117 21.18 2.92 3.02
CA GLN A 117 22.13 1.89 3.41
C GLN A 117 23.54 2.14 2.90
N VAL A 118 23.66 2.37 1.59
CA VAL A 118 24.95 2.35 0.93
C VAL A 118 25.63 3.73 1.05
N LYS A 119 25.05 4.63 1.84
CA LYS A 119 25.81 5.82 2.22
C LYS A 119 26.98 5.42 3.12
N GLN A 120 26.82 4.36 3.91
CA GLN A 120 27.91 3.83 4.71
C GLN A 120 28.71 2.74 3.98
N GLN A 121 28.19 2.29 2.85
CA GLN A 121 28.90 1.31 2.06
C GLN A 121 29.39 1.83 0.72
N ARG A 122 29.35 3.15 0.52
CA ARG A 122 30.07 3.81 -0.56
C ARG A 122 31.51 3.51 -0.16
N LEU A 123 32.24 2.85 -1.05
CA LEU A 123 33.45 2.15 -0.66
C LEU A 123 34.08 1.52 -1.87
N GLU B 5 38.44 16.09 0.95
CA GLU B 5 38.22 15.63 -0.42
C GLU B 5 39.53 15.36 -1.16
N PHE B 6 39.54 14.31 -1.97
CA PHE B 6 40.76 13.81 -2.62
C PHE B 6 40.37 12.87 -3.78
N GLU B 7 41.08 12.95 -4.90
CA GLU B 7 40.78 12.04 -6.02
C GLU B 7 41.58 10.73 -5.91
N LEU B 8 40.90 9.64 -5.54
CA LEU B 8 41.53 8.32 -5.46
C LEU B 8 41.96 7.84 -6.85
N PRO B 9 43.06 7.08 -6.92
CA PRO B 9 43.37 6.50 -8.24
C PRO B 9 42.30 5.49 -8.67
N LEU B 10 42.28 5.19 -9.96
CA LEU B 10 41.38 4.19 -10.53
C LEU B 10 41.57 2.86 -9.77
N PRO B 11 40.50 2.07 -9.66
CA PRO B 11 40.66 0.74 -9.04
C PRO B 11 41.64 -0.15 -9.80
N GLU B 12 42.15 -1.16 -9.11
CA GLU B 12 43.09 -2.12 -9.68
C GLU B 12 42.58 -2.61 -11.01
N GLY B 13 43.39 -2.47 -12.06
CA GLY B 13 43.00 -3.03 -13.34
C GLY B 13 42.35 -2.07 -14.31
N TRP B 14 42.11 -0.84 -13.87
CA TRP B 14 41.47 0.14 -14.72
C TRP B 14 42.45 1.10 -15.32
N GLU B 15 42.12 1.57 -16.52
CA GLU B 15 42.99 2.47 -17.26
C GLU B 15 42.14 3.51 -17.97
N GLU B 16 42.54 4.78 -17.88
CA GLU B 16 41.85 5.84 -18.60
C GLU B 16 42.36 5.88 -20.04
N ALA B 17 41.46 6.14 -20.98
CA ALA B 17 41.86 6.18 -22.37
C ALA B 17 41.09 7.26 -23.11
N ARG B 18 41.53 7.48 -24.34
CA ARG B 18 40.91 8.45 -25.24
C ARG B 18 40.54 7.77 -26.53
N ASP B 19 39.37 8.09 -27.06
CA ASP B 19 39.06 7.63 -28.41
C ASP B 19 39.60 8.66 -29.39
N PHE B 20 39.41 8.42 -30.69
CA PHE B 20 40.03 9.31 -31.67
C PHE B 20 39.44 10.73 -31.69
N ASP B 21 38.24 10.89 -31.11
CA ASP B 21 37.61 12.20 -30.97
C ASP B 21 38.13 12.91 -29.74
N GLY B 22 39.04 12.26 -29.02
CA GLY B 22 39.58 12.82 -27.80
C GLY B 22 38.65 12.67 -26.63
N LYS B 23 37.60 11.87 -26.79
CA LYS B 23 36.65 11.62 -25.70
C LYS B 23 37.21 10.56 -24.75
N VAL B 24 37.14 10.84 -23.44
CA VAL B 24 37.67 9.96 -22.41
C VAL B 24 36.79 8.74 -22.18
N TYR B 25 37.40 7.56 -22.06
CA TYR B 25 36.67 6.39 -21.62
C TYR B 25 37.58 5.54 -20.76
N TYR B 26 37.04 4.46 -20.20
CA TYR B 26 37.74 3.69 -19.18
C TYR B 26 37.82 2.22 -19.57
N ILE B 27 38.99 1.63 -19.36
CA ILE B 27 39.24 0.23 -19.72
C ILE B 27 39.38 -0.61 -18.47
N ASP B 28 38.57 -1.67 -18.36
CA ASP B 28 38.66 -2.60 -17.22
C ASP B 28 39.39 -3.87 -17.67
N HIS B 29 40.68 -3.95 -17.35
CA HIS B 29 41.49 -5.06 -17.85
C HIS B 29 41.16 -6.41 -17.17
N ARG B 30 40.62 -6.36 -15.96
CA ARG B 30 40.21 -7.59 -15.27
C ARG B 30 39.03 -8.24 -15.95
N ASN B 31 38.07 -7.42 -16.39
CA ASN B 31 36.90 -7.94 -17.06
C ASN B 31 36.99 -7.82 -18.57
N ARG B 32 38.12 -7.32 -19.06
CA ARG B 32 38.33 -7.12 -20.50
C ARG B 32 37.16 -6.37 -21.11
N THR B 33 36.81 -5.26 -20.51
CA THR B 33 35.70 -4.49 -21.01
C THR B 33 36.03 -2.99 -21.02
N THR B 34 35.16 -2.20 -21.64
CA THR B 34 35.33 -0.75 -21.67
C THR B 34 34.02 -0.06 -21.30
N SER B 35 34.11 1.18 -20.85
CA SER B 35 32.92 1.92 -20.42
C SER B 35 33.12 3.43 -20.53
N TRP B 36 32.03 4.16 -20.78
CA TRP B 36 32.07 5.61 -20.77
C TRP B 36 32.09 6.15 -19.34
N ILE B 37 31.77 5.28 -18.39
CA ILE B 37 31.60 5.70 -17.00
C ILE B 37 32.86 5.49 -16.18
N ASP B 38 33.41 6.57 -15.64
CA ASP B 38 34.49 6.50 -14.65
C ASP B 38 34.04 5.61 -13.50
N PRO B 39 34.76 4.51 -13.24
CA PRO B 39 34.26 3.58 -12.21
C PRO B 39 34.21 4.22 -10.82
N ARG B 40 34.89 5.35 -10.64
CA ARG B 40 34.87 6.10 -9.39
C ARG B 40 33.56 6.86 -9.20
N ASP B 41 32.81 7.02 -10.29
CA ASP B 41 31.49 7.66 -10.21
C ASP B 41 30.59 6.88 -9.27
N ARG B 42 30.87 5.59 -9.11
CA ARG B 42 30.05 4.73 -8.25
C ARG B 42 30.08 5.21 -6.79
N TYR B 43 31.15 5.85 -6.35
CA TYR B 43 31.11 6.42 -5.00
C TYR B 43 31.05 7.97 -4.99
N THR B 44 31.16 8.62 -6.14
CA THR B 44 31.19 10.08 -6.14
C THR B 44 29.96 10.76 -6.78
N LYS B 45 29.14 9.99 -7.50
CA LYS B 45 27.92 10.52 -8.13
C LYS B 45 26.68 9.95 -7.41
N PRO B 46 25.58 10.70 -7.38
CA PRO B 46 24.36 10.12 -6.80
C PRO B 46 23.91 8.85 -7.53
N LEU B 47 23.37 7.91 -6.77
CA LEU B 47 22.97 6.63 -7.35
C LEU B 47 21.71 6.75 -8.19
N THR B 48 20.80 7.62 -7.77
CA THR B 48 19.53 7.79 -8.46
C THR B 48 19.16 9.25 -8.47
N PHE B 49 18.04 9.58 -9.09
CA PHE B 49 17.60 10.98 -9.12
C PHE B 49 17.08 11.49 -7.78
N ALA B 50 16.98 10.59 -6.81
CA ALA B 50 16.50 10.95 -5.47
C ALA B 50 17.67 11.15 -4.52
N ASP B 51 18.81 10.58 -4.89
CA ASP B 51 19.99 10.59 -4.04
C ASP B 51 20.66 11.98 -4.01
N CYS B 52 21.34 12.26 -2.92
CA CYS B 52 22.13 13.49 -2.77
C CYS B 52 23.38 13.14 -1.99
N ILE B 53 24.55 13.36 -2.59
CA ILE B 53 25.79 12.95 -1.96
C ILE B 53 26.02 13.73 -0.66
N SER B 54 25.84 15.05 -0.69
CA SER B 54 26.13 15.87 0.48
C SER B 54 25.13 15.63 1.61
N ASP B 55 25.66 15.44 2.83
CA ASP B 55 24.82 15.24 4.01
C ASP B 55 24.65 16.53 4.81
N GLU B 56 25.16 17.64 4.27
CA GLU B 56 25.17 18.92 4.98
C GLU B 56 23.77 19.38 5.44
N LEU B 57 23.70 19.87 6.67
CA LEU B 57 22.47 20.37 7.27
C LEU B 57 21.91 21.59 6.53
N PRO B 58 20.58 21.72 6.51
CA PRO B 58 19.93 22.87 5.86
C PRO B 58 20.14 24.20 6.60
N LEU B 59 19.87 25.28 5.88
CA LEU B 59 19.98 26.64 6.39
C LEU B 59 19.46 26.77 7.82
N GLY B 60 20.34 27.25 8.70
CA GLY B 60 19.94 27.54 10.06
C GLY B 60 20.21 26.41 11.03
N TRP B 61 20.56 25.25 10.52
CA TRP B 61 20.88 24.13 11.41
C TRP B 61 22.38 24.00 11.63
N GLU B 62 22.75 23.57 12.83
CA GLU B 62 24.14 23.45 13.21
C GLU B 62 24.35 22.19 14.04
N GLU B 63 25.35 21.41 13.67
CA GLU B 63 25.84 20.28 14.46
C GLU B 63 26.68 20.80 15.65
N ALA B 64 26.52 20.21 16.82
CA ALA B 64 27.24 20.68 18.00
C ALA B 64 27.61 19.53 18.93
N TYR B 65 28.49 19.83 19.88
CA TYR B 65 28.99 18.84 20.83
C TYR B 65 29.19 19.49 22.18
N ASP B 66 28.78 18.80 23.24
CA ASP B 66 29.09 19.20 24.60
C ASP B 66 29.52 17.94 25.38
N PRO B 67 30.64 18.04 26.12
CA PRO B 67 31.28 16.91 26.82
C PRO B 67 30.38 16.19 27.81
N GLN B 68 29.39 16.92 28.29
CA GLN B 68 28.44 16.32 29.20
C GLN B 68 27.20 15.80 28.48
N VAL B 69 26.78 16.47 27.41
CA VAL B 69 25.60 16.02 26.64
C VAL B 69 25.94 15.03 25.51
N GLY B 70 27.07 15.26 24.83
CA GLY B 70 27.46 14.50 23.65
C GLY B 70 27.05 15.22 22.36
N ASP B 71 26.89 14.49 21.27
CA ASP B 71 26.50 15.11 20.00
C ASP B 71 25.07 15.60 20.05
N TYR B 72 24.81 16.81 19.58
CA TYR B 72 23.44 17.29 19.42
C TYR B 72 23.33 18.30 18.27
N PHE B 73 22.13 18.88 18.13
CA PHE B 73 21.84 19.71 16.97
C PHE B 73 21.16 21.00 17.39
N ILE B 74 21.48 22.09 16.69
CA ILE B 74 20.91 23.40 16.99
C ILE B 74 20.15 23.92 15.79
N ASP B 75 18.89 24.29 16.02
CA ASP B 75 18.08 24.96 15.01
C ASP B 75 17.99 26.45 15.31
N HIS B 76 18.80 27.23 14.60
CA HIS B 76 18.79 28.67 14.76
C HIS B 76 17.52 29.31 14.17
N ASN B 77 16.80 28.57 13.34
CA ASN B 77 15.53 29.05 12.81
C ASN B 77 14.48 29.18 13.90
N THR B 78 14.40 28.18 14.78
CA THR B 78 13.38 28.15 15.83
C THR B 78 13.92 28.48 17.22
N LYS B 79 15.22 28.76 17.30
CA LYS B 79 15.91 28.97 18.57
C LYS B 79 15.70 27.80 19.51
N THR B 80 15.92 26.57 19.01
CA THR B 80 15.77 25.38 19.82
C THR B 80 16.94 24.45 19.64
N THR B 81 17.05 23.45 20.51
CA THR B 81 18.09 22.43 20.40
C THR B 81 17.47 21.06 20.56
N GLN B 82 18.10 20.04 20.00
CA GLN B 82 17.59 18.68 20.15
C GLN B 82 18.69 17.63 20.05
N ILE B 83 18.41 16.45 20.59
CA ILE B 83 19.39 15.38 20.53
C ILE B 83 19.38 14.71 19.16
N GLU B 84 18.20 14.44 18.62
CA GLU B 84 18.13 13.64 17.39
C GLU B 84 18.53 14.39 16.11
N ASP B 85 19.24 13.67 15.24
CA ASP B 85 19.61 14.16 13.92
C ASP B 85 18.34 14.49 13.11
N PRO B 86 18.13 15.77 12.80
CA PRO B 86 16.92 16.20 12.09
C PRO B 86 16.82 15.65 10.67
N ARG B 87 17.95 15.19 10.14
CA ARG B 87 17.98 14.54 8.84
C ARG B 87 17.34 13.17 8.98
N VAL B 88 17.68 12.49 10.06
CA VAL B 88 17.10 11.18 10.35
C VAL B 88 15.61 11.33 10.64
N GLN B 89 15.29 12.32 11.46
CA GLN B 89 13.91 12.60 11.80
C GLN B 89 13.09 12.89 10.54
N TRP B 90 13.63 13.69 9.62
CA TRP B 90 12.89 14.02 8.41
C TRP B 90 12.66 12.80 7.54
N ARG B 91 13.67 11.93 7.45
CA ARG B 91 13.58 10.74 6.64
C ARG B 91 12.49 9.85 7.22
N ARG B 92 12.47 9.74 8.54
CA ARG B 92 11.54 8.86 9.20
C ARG B 92 10.11 9.35 9.04
N GLU B 93 9.90 10.66 9.05
CA GLU B 93 8.54 11.16 8.87
C GLU B 93 8.04 11.00 7.43
N GLN B 94 8.95 11.02 6.45
CA GLN B 94 8.55 10.64 5.11
C GLN B 94 8.14 9.18 5.07
N GLU B 95 9.01 8.35 5.63
CA GLU B 95 8.82 6.90 5.65
C GLU B 95 7.52 6.51 6.37
N HIS B 96 7.23 7.16 7.50
CA HIS B 96 6.02 6.85 8.28
C HIS B 96 4.74 7.20 7.52
N MET B 97 4.80 8.25 6.72
CA MET B 97 3.61 8.68 6.02
C MET B 97 3.27 7.68 4.92
N LEU B 98 4.28 7.16 4.24
CA LEU B 98 4.08 6.14 3.20
C LEU B 98 3.63 4.85 3.84
N LYS B 99 4.25 4.51 4.96
CA LYS B 99 3.89 3.27 5.66
C LYS B 99 2.48 3.34 6.24
N ASP B 100 2.10 4.48 6.80
CA ASP B 100 0.75 4.61 7.34
C ASP B 100 -0.29 4.40 6.23
N TYR B 101 -0.09 5.01 5.07
CA TYR B 101 -1.01 4.81 3.97
C TYR B 101 -1.02 3.35 3.51
N LEU B 102 0.15 2.73 3.48
CA LEU B 102 0.27 1.30 3.16
C LEU B 102 -0.70 0.43 4.00
N VAL B 103 -0.71 0.63 5.32
CA VAL B 103 -1.57 -0.14 6.22
C VAL B 103 -3.04 0.16 5.92
N VAL B 104 -3.34 1.42 5.66
CA VAL B 104 -4.70 1.77 5.31
C VAL B 104 -5.11 1.07 4.00
N ALA B 105 -4.23 1.03 3.01
CA ALA B 105 -4.52 0.37 1.74
C ALA B 105 -4.76 -1.11 1.92
N GLN B 106 -3.88 -1.74 2.70
CA GLN B 106 -3.94 -3.17 2.95
C GLN B 106 -5.26 -3.50 3.62
N GLU B 107 -5.65 -2.68 4.60
CA GLU B 107 -6.88 -2.93 5.34
C GLU B 107 -8.11 -2.81 4.42
N ALA B 108 -8.09 -1.83 3.54
CA ALA B 108 -9.18 -1.60 2.60
C ALA B 108 -9.36 -2.79 1.67
N LEU B 109 -8.25 -3.26 1.10
CA LEU B 109 -8.29 -4.40 0.21
C LEU B 109 -8.82 -5.65 0.94
N SER B 110 -8.44 -5.83 2.20
CA SER B 110 -8.90 -7.00 2.96
C SER B 110 -10.39 -6.91 3.21
N ALA B 111 -10.85 -5.71 3.56
CA ALA B 111 -12.26 -5.49 3.84
C ALA B 111 -13.10 -5.66 2.58
N GLN B 112 -12.62 -5.09 1.47
CA GLN B 112 -13.31 -5.18 0.18
C GLN B 112 -13.48 -6.66 -0.15
N LYS B 113 -12.46 -7.42 0.18
CA LYS B 113 -12.42 -8.82 -0.18
C LYS B 113 -13.32 -9.62 0.78
N GLU B 114 -13.43 -9.17 2.02
CA GLU B 114 -14.32 -9.83 2.98
C GLU B 114 -15.78 -9.63 2.63
N ILE B 115 -16.10 -8.48 2.04
CA ILE B 115 -17.46 -8.21 1.62
C ILE B 115 -17.82 -9.09 0.42
N TYR B 116 -16.93 -9.15 -0.57
CA TYR B 116 -17.17 -9.92 -1.79
C TYR B 116 -17.45 -11.39 -1.48
N GLN B 117 -16.74 -11.92 -0.50
CA GLN B 117 -16.86 -13.31 -0.11
C GLN B 117 -18.19 -13.57 0.57
N VAL B 118 -18.57 -12.68 1.49
CA VAL B 118 -19.69 -12.94 2.36
C VAL B 118 -21.04 -12.69 1.66
N LYS B 119 -21.03 -12.24 0.41
CA LYS B 119 -22.27 -12.27 -0.37
C LYS B 119 -22.66 -13.69 -0.77
N GLN B 120 -21.66 -14.52 -1.08
CA GLN B 120 -21.96 -15.90 -1.42
C GLN B 120 -21.87 -16.81 -0.19
N GLN B 121 -21.37 -16.31 0.93
CA GLN B 121 -21.37 -17.16 2.11
C GLN B 121 -22.70 -16.97 2.83
N ARG B 122 -23.40 -15.87 2.54
CA ARG B 122 -24.79 -15.69 2.96
C ARG B 122 -25.65 -16.75 2.28
N LEU B 123 -25.42 -16.89 0.98
CA LEU B 123 -26.17 -17.80 0.11
C LEU B 123 -26.00 -19.24 0.57
N GLU B 124 -24.74 -19.58 0.86
CA GLU B 124 -24.39 -20.92 1.32
C GLU B 124 -24.96 -21.16 2.72
N LEU B 125 -24.82 -20.15 3.58
CA LEU B 125 -25.36 -20.21 4.94
C LEU B 125 -26.89 -20.42 4.95
N ALA B 126 -27.57 -19.72 4.05
CA ALA B 126 -29.03 -19.80 3.90
C ALA B 126 -29.45 -21.21 3.50
N GLN B 127 -28.69 -21.80 2.58
CA GLN B 127 -28.92 -23.18 2.16
C GLN B 127 -28.75 -24.13 3.35
N GLN B 128 -27.79 -23.83 4.22
CA GLN B 128 -27.52 -24.67 5.40
C GLN B 128 -28.63 -24.55 6.44
N GLU B 129 -29.15 -23.35 6.65
CA GLU B 129 -30.08 -23.09 7.75
C GLU B 129 -31.55 -23.28 7.38
N TYR B 130 -31.87 -23.26 6.08
CA TYR B 130 -33.27 -23.33 5.66
C TYR B 130 -33.58 -24.42 4.65
N GLN B 131 -32.55 -25.04 4.07
CA GLN B 131 -32.73 -26.07 3.04
C GLN B 131 -31.85 -27.31 3.24
N LEU C 11 17.16 13.28 -33.25
CA LEU C 11 17.91 12.59 -32.20
C LEU C 11 18.71 11.41 -32.73
N MET C 12 19.92 11.24 -32.20
CA MET C 12 20.82 10.17 -32.58
C MET C 12 20.95 8.97 -31.63
N ARG C 13 21.41 7.87 -32.22
CA ARG C 13 21.61 6.58 -31.58
C ARG C 13 22.78 6.59 -30.59
N TYR C 14 22.66 5.73 -29.59
CA TYR C 14 23.67 5.58 -28.55
C TYR C 14 25.00 5.17 -29.15
N GLN C 15 26.07 5.89 -28.82
CA GLN C 15 27.42 5.54 -29.26
C GLN C 15 28.15 4.71 -28.21
N HIS C 16 28.48 3.45 -28.51
CA HIS C 16 29.28 2.62 -27.59
C HIS C 16 30.75 3.04 -27.53
N PRO C 17 31.44 2.78 -26.40
CA PRO C 17 32.86 3.15 -26.38
C PRO C 17 33.65 2.18 -27.25
N PRO C 18 34.89 2.52 -27.61
CA PRO C 18 35.70 1.54 -28.33
C PRO C 18 35.75 0.18 -27.62
N GLU C 19 35.75 -0.91 -28.40
CA GLU C 19 35.85 -2.24 -27.82
C GLU C 19 37.19 -2.43 -27.13
N TYR C 20 37.19 -3.30 -26.13
CA TYR C 20 38.43 -3.70 -25.49
C TYR C 20 39.32 -4.27 -26.57
N GLY C 21 40.58 -3.84 -26.58
CA GLY C 21 41.56 -4.31 -27.55
C GLY C 21 41.53 -3.56 -28.89
N ALA C 22 40.72 -2.51 -28.97
CA ALA C 22 40.62 -1.74 -30.21
C ALA C 22 41.88 -0.96 -30.49
N ALA C 23 42.06 -0.53 -31.74
CA ALA C 23 43.19 0.34 -32.09
C ALA C 23 43.05 1.60 -31.26
N ARG C 24 44.15 2.07 -30.67
CA ARG C 24 44.10 3.31 -29.89
C ARG C 24 44.89 4.47 -30.51
N PRO C 25 44.47 5.71 -30.22
CA PRO C 25 45.25 6.89 -30.62
C PRO C 25 46.44 7.13 -29.70
N ALA C 26 47.07 8.29 -29.88
CA ALA C 26 48.26 8.66 -29.13
C ALA C 26 47.99 8.70 -27.63
N GLN D 10 -17.60 6.28 27.13
CA GLN D 10 -19.02 6.11 26.80
C GLN D 10 -19.87 6.29 28.06
N LEU D 11 -21.06 6.87 27.90
CA LEU D 11 -21.81 7.28 29.07
C LEU D 11 -22.92 6.29 29.41
N MET D 12 -23.33 5.45 28.46
CA MET D 12 -24.35 4.46 28.77
C MET D 12 -23.62 3.10 28.96
N ARG D 13 -23.92 2.38 30.03
CA ARG D 13 -23.22 1.11 30.29
C ARG D 13 -23.78 0.01 29.39
N TYR D 14 -22.92 -0.84 28.85
CA TYR D 14 -23.39 -1.93 28.00
C TYR D 14 -24.25 -2.93 28.80
N GLN D 15 -25.48 -3.19 28.35
CA GLN D 15 -26.35 -4.19 29.00
C GLN D 15 -26.27 -5.57 28.33
N HIS D 16 -25.82 -6.59 29.05
CA HIS D 16 -25.77 -7.94 28.47
C HIS D 16 -27.16 -8.59 28.41
N PRO D 17 -27.36 -9.54 27.47
CA PRO D 17 -28.67 -10.21 27.40
C PRO D 17 -28.79 -11.21 28.57
N PRO D 18 -30.01 -11.67 28.91
CA PRO D 18 -30.14 -12.73 29.93
C PRO D 18 -29.29 -13.94 29.62
N GLU D 19 -28.78 -14.58 30.66
CA GLU D 19 -28.03 -15.82 30.45
C GLU D 19 -28.94 -16.88 29.85
N TYR D 20 -28.36 -17.82 29.13
CA TYR D 20 -29.08 -18.98 28.63
C TYR D 20 -29.76 -19.71 29.78
N GLY D 21 -30.99 -20.16 29.56
CA GLY D 21 -31.68 -20.91 30.58
C GLY D 21 -32.59 -20.14 31.54
N ALA D 22 -32.94 -18.90 31.19
CA ALA D 22 -33.85 -18.12 32.04
C ALA D 22 -35.25 -18.74 32.06
N ALA D 23 -36.07 -18.29 33.02
CA ALA D 23 -37.45 -18.78 33.17
C ALA D 23 -38.34 -18.63 31.93
N ARG D 24 -39.14 -19.66 31.65
CA ARG D 24 -40.05 -19.68 30.51
C ARG D 24 -41.50 -19.47 30.94
#